data_7XIH
#
_entry.id   7XIH
#
_cell.length_a   176.567
_cell.length_b   57.256
_cell.length_c   54.485
_cell.angle_alpha   90.00
_cell.angle_beta   98.50
_cell.angle_gamma   90.00
#
_symmetry.space_group_name_H-M   'C 1 2 1'
#
loop_
_entity.id
_entity.type
_entity.pdbx_description
1 polymer 'Polyamine aminopropyltransferase'
2 non-polymer "5'-DEOXY-5'-METHYLTHIOADENOSINE"
3 non-polymer SPERMIDINE
4 water water
#
_entity_poly.entity_id   1
_entity_poly.type   'polypeptide(L)'
_entity_poly.pdbx_seq_one_letter_code
;MGSSHHHHHHSSGLVPRGSHMRKVPGPITLIEPLSGNTSLLIKINAIHSVKKSPYQEIIIADTEDYGRVLILDDYIQSSY
VDEQYYHESLVHPAMATHPNPRDVLILGGGEGATLREALKHGTVKRAVMVDIDRDVVELSRAYLPQMHQGAFDDPRAKVV
IQDGFVYVEEAIKAGDKYDVIIMDLTDPYSSDIAKQLYTREFFAKIRRILNDDGVVVTQAGNSFYFPAEYDMVLEGVKAN
FPIVAEYEVWIPSFGYAVNFILGSLRYDPHALTPSEVDERLRARGVKTAFYTGRVHLALMNMPIHRKLR
;
_entity_poly.pdbx_strand_id   A,B
#
# COMPACT_ATOMS: atom_id res chain seq x y z
N ARG A 22 -23.02 -5.28 2.79
CA ARG A 22 -22.51 -4.07 2.04
C ARG A 22 -21.94 -3.01 3.02
N LYS A 23 -22.65 -2.61 4.09
CA LYS A 23 -21.91 -1.81 5.11
C LYS A 23 -21.25 -2.76 6.10
N VAL A 24 -21.99 -3.82 6.45
CA VAL A 24 -21.54 -4.89 7.37
C VAL A 24 -21.51 -6.17 6.50
N PRO A 25 -20.33 -6.64 6.02
CA PRO A 25 -20.15 -7.90 5.29
C PRO A 25 -20.85 -8.97 6.14
N GLY A 26 -21.28 -10.05 5.51
CA GLY A 26 -21.91 -11.16 6.20
C GLY A 26 -22.77 -11.98 5.28
N PRO A 27 -23.60 -12.85 5.87
CA PRO A 27 -23.82 -12.95 7.34
C PRO A 27 -22.71 -13.57 8.16
N ILE A 28 -21.86 -14.37 7.58
CA ILE A 28 -20.76 -14.99 8.31
C ILE A 28 -19.48 -14.22 7.96
N THR A 29 -18.75 -13.85 8.99
CA THR A 29 -17.68 -12.86 8.85
CA THR A 29 -17.64 -12.92 8.78
C THR A 29 -16.46 -13.30 9.66
N LEU A 30 -15.26 -13.13 9.17
CA LEU A 30 -14.01 -13.20 9.94
C LEU A 30 -13.79 -11.81 10.50
N ILE A 31 -13.48 -11.77 11.78
CA ILE A 31 -12.98 -10.54 12.42
C ILE A 31 -11.46 -10.69 12.48
N GLU A 32 -10.76 -10.08 11.55
CA GLU A 32 -9.32 -10.20 11.43
C GLU A 32 -8.69 -9.06 12.24
N PRO A 33 -7.89 -9.36 13.28
CA PRO A 33 -7.20 -8.32 13.99
C PRO A 33 -6.22 -7.63 13.03
N LEU A 34 -5.89 -6.43 13.40
N LEU A 34 -6.10 -6.32 13.21
CA LEU A 34 -4.82 -5.68 12.72
CA LEU A 34 -5.10 -5.48 12.50
C LEU A 34 -4.03 -5.00 13.82
C LEU A 34 -4.12 -4.86 13.53
N SER A 35 -4.55 -3.88 14.33
CA SER A 35 -3.70 -3.08 15.21
C SER A 35 -4.09 -3.17 16.66
N GLY A 36 -5.26 -3.70 16.95
CA GLY A 36 -5.91 -3.61 18.28
C GLY A 36 -6.90 -2.45 18.32
N ASN A 37 -6.70 -1.40 17.51
CA ASN A 37 -7.63 -0.27 17.42
C ASN A 37 -8.28 -0.21 16.04
N THR A 38 -7.90 -1.09 15.15
CA THR A 38 -8.53 -1.34 13.84
C THR A 38 -8.55 -2.85 13.66
N SER A 39 -9.64 -3.36 13.15
CA SER A 39 -9.75 -4.75 12.68
C SER A 39 -10.47 -4.77 11.32
N LEU A 40 -10.36 -5.88 10.58
CA LEU A 40 -11.09 -6.05 9.33
C LEU A 40 -12.26 -7.00 9.57
N LEU A 41 -13.40 -6.68 8.95
N LEU A 41 -13.36 -6.73 8.88
CA LEU A 41 -14.58 -7.57 8.87
CA LEU A 41 -14.55 -7.58 8.90
C LEU A 41 -14.60 -8.12 7.46
C LEU A 41 -14.69 -8.12 7.49
N ILE A 42 -14.51 -9.44 7.32
CA ILE A 42 -14.35 -10.06 5.99
C ILE A 42 -15.39 -11.14 5.80
N LYS A 43 -16.22 -11.03 4.78
CA LYS A 43 -17.25 -12.06 4.54
C LYS A 43 -16.58 -13.41 4.23
N ILE A 44 -17.11 -14.42 4.91
CA ILE A 44 -16.71 -15.85 4.79
C ILE A 44 -17.82 -16.59 4.07
N ASN A 45 -17.42 -17.41 3.11
CA ASN A 45 -18.39 -18.25 2.37
C ASN A 45 -18.38 -19.70 2.83
N ALA A 46 -17.28 -20.18 3.40
CA ALA A 46 -17.09 -21.61 3.74
C ALA A 46 -15.99 -21.73 4.75
N ILE A 47 -16.06 -22.78 5.55
CA ILE A 47 -14.99 -23.16 6.50
C ILE A 47 -14.58 -24.58 6.14
N HIS A 48 -13.40 -24.75 5.59
CA HIS A 48 -12.95 -26.08 5.12
C HIS A 48 -12.28 -26.90 6.21
N SER A 49 -11.51 -26.27 7.09
CA SER A 49 -10.81 -27.00 8.16
C SER A 49 -10.56 -26.10 9.34
N VAL A 50 -10.64 -26.62 10.56
CA VAL A 50 -10.33 -25.92 11.82
C VAL A 50 -9.49 -26.91 12.62
N LYS A 51 -8.29 -26.53 13.03
CA LYS A 51 -7.41 -27.43 13.81
C LYS A 51 -6.73 -26.55 14.84
N LYS A 52 -6.82 -26.94 16.10
CA LYS A 52 -5.95 -26.44 17.18
C LYS A 52 -4.73 -27.35 17.25
N SER A 53 -3.63 -26.82 16.74
CA SER A 53 -2.33 -27.54 16.76
C SER A 53 -1.73 -27.28 18.13
N PRO A 54 -0.60 -27.94 18.47
CA PRO A 54 0.10 -27.59 19.69
C PRO A 54 0.67 -26.18 19.72
N TYR A 55 0.71 -25.53 18.54
CA TYR A 55 1.39 -24.22 18.39
C TYR A 55 0.39 -23.08 18.21
N GLN A 56 -0.71 -23.29 17.48
CA GLN A 56 -1.58 -22.18 17.04
C GLN A 56 -2.91 -22.76 16.58
N GLU A 57 -3.85 -21.86 16.43
CA GLU A 57 -5.19 -22.19 15.88
C GLU A 57 -5.19 -21.96 14.37
N ILE A 58 -5.50 -23.02 13.61
CA ILE A 58 -5.44 -23.00 12.14
C ILE A 58 -6.85 -23.02 11.57
N ILE A 59 -7.17 -22.15 10.62
CA ILE A 59 -8.44 -22.21 9.87
C ILE A 59 -8.10 -22.11 8.40
N ILE A 60 -8.68 -22.99 7.59
CA ILE A 60 -8.72 -22.78 6.14
C ILE A 60 -10.15 -22.49 5.76
N ALA A 61 -10.36 -21.35 5.07
CA ALA A 61 -11.71 -20.86 4.81
C ALA A 61 -11.76 -20.24 3.43
N ASP A 62 -12.94 -19.96 2.94
CA ASP A 62 -13.11 -19.21 1.69
C ASP A 62 -13.68 -17.85 2.04
N THR A 63 -13.06 -16.80 1.54
CA THR A 63 -13.55 -15.44 1.69
C THR A 63 -14.10 -14.97 0.35
N GLU A 64 -15.08 -14.06 0.38
CA GLU A 64 -15.62 -13.54 -0.89
C GLU A 64 -14.60 -12.64 -1.59
N ASP A 65 -13.96 -11.72 -0.88
CA ASP A 65 -13.04 -10.78 -1.53
C ASP A 65 -11.76 -11.44 -1.96
N TYR A 66 -11.26 -12.41 -1.20
CA TYR A 66 -9.86 -12.83 -1.35
C TYR A 66 -9.73 -14.31 -1.71
N GLY A 67 -10.83 -15.01 -1.91
CA GLY A 67 -10.80 -16.44 -2.15
C GLY A 67 -10.31 -17.24 -0.92
N ARG A 68 -9.72 -18.40 -1.17
CA ARG A 68 -9.32 -19.28 -0.05
C ARG A 68 -8.20 -18.61 0.73
N VAL A 69 -8.24 -18.80 2.04
CA VAL A 69 -7.25 -18.28 2.97
C VAL A 69 -6.77 -19.32 3.95
N LEU A 70 -5.53 -19.12 4.38
CA LEU A 70 -4.97 -19.70 5.60
C LEU A 70 -5.05 -18.63 6.69
N ILE A 71 -5.61 -19.01 7.84
CA ILE A 71 -5.71 -18.13 9.01
C ILE A 71 -4.97 -18.80 10.18
N LEU A 72 -4.10 -18.06 10.82
CA LEU A 72 -3.40 -18.55 12.00
C LEU A 72 -3.63 -17.57 13.12
N ASP A 73 -4.19 -18.05 14.22
CA ASP A 73 -4.54 -17.20 15.36
C ASP A 73 -5.29 -15.95 14.95
N ASP A 74 -6.21 -16.15 14.02
CA ASP A 74 -7.17 -15.10 13.57
C ASP A 74 -6.62 -14.20 12.44
N TYR A 75 -5.34 -14.29 12.15
CA TYR A 75 -4.71 -13.46 11.12
C TYR A 75 -4.63 -14.22 9.81
N ILE A 76 -5.14 -13.61 8.72
CA ILE A 76 -4.91 -14.17 7.38
C ILE A 76 -3.41 -14.16 7.11
N GLN A 77 -2.90 -15.32 6.71
CA GLN A 77 -1.48 -15.50 6.35
C GLN A 77 -1.27 -15.35 4.87
N SER A 78 -2.27 -15.74 4.09
CA SER A 78 -2.21 -15.80 2.62
C SER A 78 -3.62 -16.03 2.10
N SER A 79 -3.86 -15.39 0.96
CA SER A 79 -5.13 -15.57 0.22
C SER A 79 -4.88 -15.92 -1.23
N TYR A 80 -5.78 -16.66 -1.84
CA TYR A 80 -5.60 -16.95 -3.27
C TYR A 80 -5.49 -15.70 -4.14
N VAL A 81 -6.23 -14.66 -3.82
CA VAL A 81 -6.32 -13.50 -4.71
C VAL A 81 -5.05 -12.59 -4.60
N ASP A 82 -4.37 -12.56 -3.44
CA ASP A 82 -3.26 -11.59 -3.28
C ASP A 82 -2.01 -12.18 -2.67
N GLU A 83 -1.94 -13.49 -2.47
CA GLU A 83 -0.70 -14.05 -1.90
C GLU A 83 0.51 -13.86 -2.81
N GLN A 84 0.31 -13.83 -4.12
CA GLN A 84 1.49 -13.63 -4.98
C GLN A 84 2.14 -12.26 -4.72
N TYR A 85 1.38 -11.23 -4.36
CA TYR A 85 2.03 -9.95 -3.99
C TYR A 85 2.97 -10.18 -2.84
N TYR A 86 2.57 -10.93 -1.85
CA TYR A 86 3.36 -11.18 -0.63
C TYR A 86 4.55 -12.05 -0.99
N HIS A 87 4.31 -13.22 -1.57
CA HIS A 87 5.41 -14.20 -1.76
C HIS A 87 6.43 -13.71 -2.77
N GLU A 88 5.96 -13.07 -3.86
CA GLU A 88 6.94 -12.55 -4.84
C GLU A 88 7.77 -11.43 -4.23
N SER A 89 7.15 -10.55 -3.44
CA SER A 89 7.88 -9.45 -2.82
C SER A 89 8.84 -9.93 -1.75
N LEU A 90 8.50 -11.00 -1.03
CA LEU A 90 9.38 -11.55 -0.01
C LEU A 90 10.61 -12.18 -0.67
N VAL A 91 10.37 -12.92 -1.77
CA VAL A 91 11.43 -13.79 -2.29
C VAL A 91 12.32 -13.13 -3.34
N HIS A 92 11.71 -12.51 -4.36
CA HIS A 92 12.49 -12.22 -5.56
C HIS A 92 13.50 -11.08 -5.43
N PRO A 93 13.26 -9.99 -4.67
CA PRO A 93 14.33 -9.00 -4.56
C PRO A 93 15.63 -9.61 -4.04
N ALA A 94 15.55 -10.44 -3.00
CA ALA A 94 16.75 -11.07 -2.40
C ALA A 94 17.33 -12.05 -3.44
N MET A 95 16.51 -12.91 -4.01
CA MET A 95 17.02 -13.91 -4.95
C MET A 95 17.64 -13.28 -6.19
N ALA A 96 17.06 -12.21 -6.72
CA ALA A 96 17.60 -11.53 -7.89
C ALA A 96 18.87 -10.74 -7.53
N THR A 97 19.00 -10.25 -6.32
CA THR A 97 20.20 -9.51 -5.89
C THR A 97 21.41 -10.45 -5.79
N HIS A 98 21.19 -11.67 -5.36
CA HIS A 98 22.26 -12.68 -5.30
C HIS A 98 22.59 -13.09 -6.72
N PRO A 99 23.89 -13.06 -7.13
CA PRO A 99 24.23 -13.37 -8.52
C PRO A 99 24.06 -14.86 -8.90
N ASN A 100 24.04 -15.74 -7.90
CA ASN A 100 23.97 -17.20 -8.19
C ASN A 100 23.48 -17.95 -6.96
N PRO A 101 22.22 -17.81 -6.59
CA PRO A 101 21.74 -18.47 -5.39
C PRO A 101 21.48 -19.95 -5.63
N ARG A 102 22.29 -20.78 -5.01
CA ARG A 102 22.24 -22.25 -5.19
C ARG A 102 21.58 -22.94 -4.00
N ASP A 103 21.88 -22.48 -2.78
CA ASP A 103 21.42 -23.09 -1.53
C ASP A 103 20.52 -22.06 -0.79
N VAL A 104 19.27 -22.42 -0.60
CA VAL A 104 18.26 -21.51 -0.02
C VAL A 104 17.68 -22.19 1.23
N LEU A 105 17.55 -21.41 2.30
CA LEU A 105 16.85 -21.81 3.51
C LEU A 105 15.65 -20.90 3.72
N ILE A 106 14.53 -21.52 4.02
CA ILE A 106 13.27 -20.79 4.35
C ILE A 106 12.90 -21.19 5.76
N LEU A 107 12.66 -20.21 6.63
CA LEU A 107 12.12 -20.43 7.98
C LEU A 107 10.68 -19.99 7.97
N GLY A 108 9.81 -20.90 8.33
CA GLY A 108 8.36 -20.69 8.22
C GLY A 108 7.85 -21.07 6.82
N GLY A 109 6.95 -20.28 6.27
CA GLY A 109 6.46 -20.53 4.89
C GLY A 109 5.59 -21.77 4.75
N GLY A 110 4.81 -22.10 5.79
CA GLY A 110 4.07 -23.36 5.87
C GLY A 110 3.15 -23.69 4.72
N GLU A 111 2.63 -22.70 4.00
CA GLU A 111 1.71 -23.04 2.90
C GLU A 111 2.49 -23.43 1.65
N GLY A 112 3.82 -23.21 1.62
CA GLY A 112 4.63 -23.68 0.48
C GLY A 112 4.82 -22.67 -0.63
N ALA A 113 4.21 -21.49 -0.54
CA ALA A 113 4.31 -20.51 -1.64
C ALA A 113 5.67 -19.80 -1.64
N THR A 114 6.32 -19.63 -0.49
CA THR A 114 7.66 -19.04 -0.45
C THR A 114 8.61 -19.99 -1.18
N LEU A 115 8.50 -21.29 -0.85
CA LEU A 115 9.34 -22.32 -1.51
C LEU A 115 9.02 -22.34 -3.01
N ARG A 116 7.75 -22.30 -3.37
CA ARG A 116 7.36 -22.20 -4.80
C ARG A 116 8.11 -21.08 -5.52
N GLU A 117 8.11 -19.90 -4.95
CA GLU A 117 8.80 -18.78 -5.61
C GLU A 117 10.31 -19.01 -5.67
N ALA A 118 10.93 -19.45 -4.57
CA ALA A 118 12.39 -19.60 -4.58
C ALA A 118 12.81 -20.67 -5.62
N LEU A 119 12.02 -21.73 -5.75
CA LEU A 119 12.35 -22.83 -6.68
C LEU A 119 12.30 -22.38 -8.14
N LYS A 120 11.62 -21.26 -8.44
CA LYS A 120 11.55 -20.76 -9.82
C LYS A 120 12.96 -20.37 -10.32
N HIS A 121 13.86 -20.01 -9.43
CA HIS A 121 15.20 -19.57 -9.86
C HIS A 121 15.94 -20.85 -10.29
N GLY A 122 16.35 -20.86 -11.56
CA GLY A 122 17.02 -22.04 -12.14
C GLY A 122 18.41 -22.30 -11.57
N THR A 123 18.98 -21.34 -10.85
CA THR A 123 20.27 -21.49 -10.16
C THR A 123 20.11 -22.40 -8.93
N VAL A 124 18.89 -22.47 -8.38
CA VAL A 124 18.74 -23.16 -7.06
C VAL A 124 18.97 -24.66 -7.24
N LYS A 125 19.83 -25.23 -6.40
CA LYS A 125 20.16 -26.66 -6.40
C LYS A 125 19.53 -27.33 -5.18
N ARG A 126 19.44 -26.63 -4.03
CA ARG A 126 18.97 -27.19 -2.76
CA ARG A 126 18.97 -27.19 -2.76
C ARG A 126 18.16 -26.12 -2.04
N ALA A 127 16.93 -26.41 -1.72
CA ALA A 127 16.07 -25.52 -0.93
C ALA A 127 15.55 -26.28 0.27
N VAL A 128 15.68 -25.73 1.44
CA VAL A 128 15.18 -26.39 2.68
C VAL A 128 14.16 -25.42 3.26
N MET A 129 13.02 -25.92 3.62
CA MET A 129 11.98 -25.12 4.32
C MET A 129 11.79 -25.76 5.72
N VAL A 130 11.77 -24.94 6.75
CA VAL A 130 11.68 -25.41 8.16
C VAL A 130 10.49 -24.70 8.79
N ASP A 131 9.44 -25.44 9.09
CA ASP A 131 8.23 -24.90 9.77
C ASP A 131 8.09 -25.70 11.09
N ILE A 132 7.69 -25.01 12.15
CA ILE A 132 7.53 -25.62 13.48
C ILE A 132 6.29 -26.51 13.50
N ASP A 133 5.33 -26.25 12.60
CA ASP A 133 3.97 -26.79 12.72
C ASP A 133 3.60 -27.75 11.60
N ARG A 134 3.71 -29.05 11.87
CA ARG A 134 3.34 -30.09 10.88
C ARG A 134 1.91 -29.87 10.40
N ASP A 135 1.00 -29.46 11.27
CA ASP A 135 -0.42 -29.34 10.86
C ASP A 135 -0.61 -28.24 9.81
N VAL A 136 0.16 -27.15 9.91
CA VAL A 136 0.04 -26.12 8.86
C VAL A 136 0.49 -26.72 7.53
N VAL A 137 1.60 -27.40 7.50
CA VAL A 137 2.12 -27.96 6.23
C VAL A 137 1.11 -28.98 5.70
N GLU A 138 0.61 -29.87 6.56
CA GLU A 138 -0.29 -30.95 6.09
C GLU A 138 -1.62 -30.37 5.58
N LEU A 139 -2.17 -29.39 6.29
CA LEU A 139 -3.47 -28.82 5.83
C LEU A 139 -3.22 -27.99 4.56
N SER A 140 -2.05 -27.36 4.42
CA SER A 140 -1.75 -26.63 3.19
C SER A 140 -1.64 -27.61 2.03
N ARG A 141 -0.98 -28.74 2.25
CA ARG A 141 -0.83 -29.76 1.19
C ARG A 141 -2.22 -30.09 0.69
N ALA A 142 -3.15 -30.37 1.61
CA ALA A 142 -4.52 -30.85 1.29
C ALA A 142 -5.43 -29.77 0.70
N TYR A 143 -5.38 -28.57 1.23
CA TYR A 143 -6.41 -27.56 0.94
C TYR A 143 -5.90 -26.32 0.19
N LEU A 144 -4.59 -26.13 0.04
CA LEU A 144 -4.09 -24.90 -0.63
C LEU A 144 -3.20 -25.24 -1.80
N PRO A 145 -3.69 -26.04 -2.77
CA PRO A 145 -2.84 -26.37 -3.90
C PRO A 145 -2.38 -25.21 -4.79
N GLN A 146 -3.15 -24.14 -4.83
CA GLN A 146 -2.73 -22.96 -5.62
C GLN A 146 -1.60 -22.23 -4.90
N MET A 147 -1.34 -22.51 -3.62
CA MET A 147 -0.22 -21.88 -2.93
C MET A 147 1.04 -22.72 -3.11
N HIS A 148 1.02 -24.01 -2.78
CA HIS A 148 2.27 -24.81 -2.89
C HIS A 148 2.60 -25.15 -4.33
N GLN A 149 1.58 -25.46 -5.13
CA GLN A 149 1.78 -25.82 -6.54
C GLN A 149 2.85 -26.90 -6.67
N GLY A 150 2.79 -27.88 -5.80
CA GLY A 150 3.72 -29.02 -5.85
C GLY A 150 5.10 -28.77 -5.28
N ALA A 151 5.36 -27.61 -4.73
CA ALA A 151 6.75 -27.25 -4.29
C ALA A 151 7.26 -28.25 -3.24
N PHE A 152 6.40 -28.75 -2.39
CA PHE A 152 6.82 -29.65 -1.30
C PHE A 152 7.46 -30.92 -1.89
N ASP A 153 7.09 -31.28 -3.12
CA ASP A 153 7.51 -32.56 -3.73
C ASP A 153 8.59 -32.31 -4.81
N ASP A 154 9.14 -31.11 -4.92
CA ASP A 154 10.26 -30.85 -5.88
C ASP A 154 11.48 -31.60 -5.36
N PRO A 155 12.22 -32.32 -6.20
CA PRO A 155 13.38 -33.07 -5.72
C PRO A 155 14.50 -32.19 -5.18
N ARG A 156 14.45 -30.89 -5.46
CA ARG A 156 15.47 -29.96 -4.90
C ARG A 156 15.06 -29.52 -3.51
N ALA A 157 13.83 -29.80 -3.08
CA ALA A 157 13.28 -29.27 -1.83
C ALA A 157 13.33 -30.34 -0.75
N LYS A 158 13.49 -29.91 0.48
CA LYS A 158 13.31 -30.70 1.71
C LYS A 158 12.45 -29.86 2.65
N VAL A 159 11.45 -30.50 3.21
CA VAL A 159 10.60 -29.88 4.25
C VAL A 159 10.97 -30.51 5.58
N VAL A 160 11.36 -29.68 6.53
CA VAL A 160 11.74 -30.09 7.90
C VAL A 160 10.71 -29.49 8.83
N ILE A 161 10.17 -30.32 9.72
CA ILE A 161 9.31 -29.82 10.82
C ILE A 161 10.16 -29.68 12.06
N GLN A 162 10.47 -28.45 12.43
CA GLN A 162 11.33 -28.12 13.58
C GLN A 162 11.15 -26.64 13.90
N ASP A 163 11.38 -26.26 15.13
CA ASP A 163 11.59 -24.85 15.46
C ASP A 163 12.82 -24.35 14.70
N GLY A 164 12.64 -23.30 13.90
CA GLY A 164 13.73 -22.69 13.15
C GLY A 164 14.88 -22.27 14.07
N PHE A 165 14.61 -21.93 15.32
CA PHE A 165 15.66 -21.54 16.29
C PHE A 165 16.64 -22.69 16.47
N VAL A 166 16.08 -23.89 16.64
CA VAL A 166 16.88 -25.10 16.86
C VAL A 166 17.55 -25.52 15.57
N TYR A 167 16.83 -25.39 14.45
CA TYR A 167 17.42 -25.77 13.17
C TYR A 167 18.70 -24.94 12.96
N VAL A 168 18.63 -23.64 13.22
CA VAL A 168 19.80 -22.76 12.97
C VAL A 168 20.93 -23.10 13.97
N GLU A 169 20.60 -23.41 15.21
CA GLU A 169 21.62 -23.82 16.22
C GLU A 169 22.34 -25.08 15.70
N GLU A 170 21.57 -26.04 15.17
CA GLU A 170 22.15 -27.29 14.59
C GLU A 170 22.98 -26.98 13.36
N ALA A 171 22.51 -26.09 12.49
CA ALA A 171 23.22 -25.74 11.27
C ALA A 171 24.60 -25.18 11.66
N ILE A 172 24.65 -24.31 12.66
CA ILE A 172 25.95 -23.70 13.10
C ILE A 172 26.90 -24.82 13.59
N LYS A 173 26.39 -25.75 14.36
CA LYS A 173 27.23 -26.85 14.92
C LYS A 173 27.80 -27.63 13.74
N ALA A 174 26.98 -27.87 12.72
CA ALA A 174 27.31 -28.69 11.54
C ALA A 174 28.18 -27.90 10.52
N GLY A 175 28.33 -26.57 10.65
CA GLY A 175 29.05 -25.75 9.65
C GLY A 175 28.29 -25.51 8.36
N ASP A 176 26.97 -25.69 8.38
CA ASP A 176 26.16 -25.54 7.15
C ASP A 176 26.09 -24.05 6.77
N LYS A 177 26.04 -23.79 5.46
CA LYS A 177 25.97 -22.44 4.90
C LYS A 177 24.98 -22.37 3.74
N TYR A 178 24.32 -21.22 3.65
CA TYR A 178 23.36 -20.95 2.59
C TYR A 178 23.74 -19.66 1.88
N ASP A 179 23.19 -19.51 0.66
CA ASP A 179 23.32 -18.28 -0.17
C ASP A 179 22.24 -17.27 0.21
N VAL A 180 21.01 -17.74 0.36
CA VAL A 180 19.89 -16.84 0.66
C VAL A 180 19.07 -17.52 1.74
N ILE A 181 18.72 -16.75 2.76
CA ILE A 181 17.86 -17.18 3.87
C ILE A 181 16.64 -16.29 3.86
N ILE A 182 15.49 -16.91 3.79
CA ILE A 182 14.18 -16.22 3.70
C ILE A 182 13.40 -16.56 4.97
N MET A 183 13.04 -15.55 5.72
CA MET A 183 12.25 -15.74 6.96
C MET A 183 10.82 -15.26 6.66
N ASP A 184 9.94 -16.24 6.67
CA ASP A 184 8.50 -16.10 6.40
C ASP A 184 7.73 -16.62 7.63
N LEU A 185 7.86 -15.93 8.73
CA LEU A 185 7.32 -16.39 10.00
C LEU A 185 6.02 -15.62 10.30
N THR A 186 5.31 -16.09 11.29
CA THR A 186 4.22 -15.33 11.90
C THR A 186 4.78 -14.01 12.46
N ASP A 187 3.89 -13.07 12.76
CA ASP A 187 4.30 -11.66 12.94
C ASP A 187 5.09 -11.45 14.20
N PRO A 188 6.05 -10.47 14.14
CA PRO A 188 6.86 -10.15 15.30
C PRO A 188 6.04 -9.47 16.40
N TYR A 189 4.91 -8.90 16.09
CA TYR A 189 4.10 -8.12 17.07
C TYR A 189 3.05 -8.99 17.73
N SER A 190 2.82 -10.20 17.26
CA SER A 190 1.71 -11.02 17.79
C SER A 190 2.11 -12.43 18.19
N SER A 191 3.20 -12.97 17.66
CA SER A 191 3.43 -14.44 17.58
C SER A 191 4.43 -14.88 18.65
N ASP A 192 3.98 -15.55 19.70
CA ASP A 192 4.94 -16.04 20.70
C ASP A 192 5.88 -17.10 20.06
N ILE A 193 5.36 -17.97 19.20
CA ILE A 193 6.18 -19.08 18.63
C ILE A 193 7.34 -18.56 17.79
N ALA A 194 7.24 -17.37 17.17
CA ALA A 194 8.34 -16.82 16.34
C ALA A 194 9.22 -15.79 17.05
N LYS A 195 8.98 -15.49 18.32
CA LYS A 195 9.55 -14.28 18.95
C LYS A 195 11.10 -14.40 18.93
N GLN A 196 11.65 -15.55 19.28
CA GLN A 196 13.10 -15.69 19.45
C GLN A 196 13.85 -15.57 18.11
N LEU A 197 13.13 -15.60 16.97
CA LEU A 197 13.77 -15.53 15.62
C LEU A 197 13.88 -14.09 15.13
N TYR A 198 13.44 -13.12 15.91
CA TYR A 198 13.41 -11.71 15.46
C TYR A 198 14.48 -10.86 16.16
N THR A 199 15.34 -11.46 16.96
CA THR A 199 16.30 -10.73 17.81
C THR A 199 17.62 -10.46 17.10
N ARG A 200 18.35 -9.48 17.63
CA ARG A 200 19.73 -9.21 17.18
CA ARG A 200 19.72 -9.21 17.16
C ARG A 200 20.54 -10.49 17.28
N GLU A 201 20.44 -11.21 18.41
CA GLU A 201 21.19 -12.47 18.60
C GLU A 201 20.84 -13.48 17.50
N PHE A 202 19.57 -13.61 17.14
CA PHE A 202 19.24 -14.56 16.08
C PHE A 202 19.83 -14.12 14.71
N PHE A 203 19.78 -12.83 14.39
CA PHE A 203 20.40 -12.39 13.11
C PHE A 203 21.93 -12.59 13.14
N ALA A 204 22.56 -12.61 14.32
CA ALA A 204 24.01 -12.95 14.36
C ALA A 204 24.19 -14.45 14.02
N LYS A 205 23.26 -15.32 14.45
CA LYS A 205 23.30 -16.76 14.11
C LYS A 205 23.03 -16.93 12.61
N ILE A 206 22.08 -16.20 12.03
CA ILE A 206 21.82 -16.25 10.59
C ILE A 206 23.09 -15.88 9.81
N ARG A 207 23.82 -14.85 10.24
CA ARG A 207 25.07 -14.47 9.53
CA ARG A 207 25.06 -14.48 9.53
C ARG A 207 26.01 -15.69 9.54
N ARG A 208 26.08 -16.39 10.68
CA ARG A 208 27.02 -17.53 10.77
C ARG A 208 26.67 -18.68 9.83
N ILE A 209 25.43 -18.76 9.34
CA ILE A 209 25.09 -19.83 8.38
C ILE A 209 24.86 -19.25 6.96
N LEU A 210 25.42 -18.07 6.70
CA LEU A 210 25.44 -17.52 5.32
C LEU A 210 26.87 -17.62 4.80
N ASN A 211 26.94 -17.89 3.50
CA ASN A 211 28.16 -17.67 2.73
C ASN A 211 28.54 -16.20 2.76
N ASP A 212 29.80 -15.89 2.45
CA ASP A 212 30.35 -14.54 2.63
C ASP A 212 29.61 -13.51 1.80
N ASP A 213 28.96 -13.88 0.68
CA ASP A 213 28.18 -12.98 -0.15
C ASP A 213 26.66 -13.21 0.05
N GLY A 214 26.28 -13.80 1.18
CA GLY A 214 24.88 -14.20 1.46
C GLY A 214 23.95 -13.02 1.69
N VAL A 215 22.68 -13.36 1.61
CA VAL A 215 21.56 -12.41 1.79
C VAL A 215 20.51 -13.04 2.72
N VAL A 216 19.98 -12.24 3.62
CA VAL A 216 18.79 -12.58 4.44
C VAL A 216 17.64 -11.64 4.08
N VAL A 217 16.43 -12.19 4.07
CA VAL A 217 15.25 -11.31 4.03
C VAL A 217 14.23 -11.83 5.00
N THR A 218 13.54 -10.91 5.64
CA THR A 218 12.46 -11.26 6.54
C THR A 218 11.31 -10.29 6.32
N GLN A 219 10.09 -10.79 6.55
CA GLN A 219 8.95 -9.90 6.82
C GLN A 219 9.11 -9.39 8.25
N ALA A 220 8.64 -8.18 8.54
CA ALA A 220 8.88 -7.50 9.81
C ALA A 220 7.61 -6.81 10.32
N GLY A 221 6.46 -7.36 10.00
CA GLY A 221 5.19 -6.80 10.46
C GLY A 221 4.85 -5.54 9.70
N ASN A 222 4.55 -4.45 10.41
CA ASN A 222 4.11 -3.20 9.77
C ASN A 222 4.61 -2.00 10.57
N SER A 223 5.32 -1.11 9.91
CA SER A 223 5.92 0.07 10.53
C SER A 223 4.94 1.17 10.88
N PHE A 224 3.76 1.17 10.29
CA PHE A 224 2.74 2.18 10.56
C PHE A 224 2.01 1.85 11.86
N TYR A 225 1.54 0.63 12.00
CA TYR A 225 0.78 0.22 13.20
C TYR A 225 1.65 -0.34 14.31
N PHE A 226 2.81 -0.90 13.97
CA PHE A 226 3.67 -1.57 14.97
C PHE A 226 5.09 -1.11 14.77
N PRO A 227 5.31 0.22 14.88
CA PRO A 227 6.66 0.74 14.63
C PRO A 227 7.68 0.21 15.65
N ALA A 228 7.32 0.04 16.93
CA ALA A 228 8.33 -0.40 17.94
C ALA A 228 8.83 -1.78 17.59
N GLU A 229 7.94 -2.71 17.29
CA GLU A 229 8.29 -4.11 16.97
C GLU A 229 9.12 -4.10 15.68
N TYR A 230 8.70 -3.33 14.69
CA TYR A 230 9.40 -3.15 13.41
C TYR A 230 10.83 -2.69 13.65
N ASP A 231 10.96 -1.60 14.42
CA ASP A 231 12.30 -1.02 14.70
C ASP A 231 13.21 -2.02 15.42
N MET A 232 12.68 -2.85 16.31
CA MET A 232 13.57 -3.81 16.98
C MET A 232 14.07 -4.83 15.98
N VAL A 233 13.25 -5.27 15.05
CA VAL A 233 13.75 -6.18 14.00
C VAL A 233 14.79 -5.46 13.14
N LEU A 234 14.50 -4.21 12.77
CA LEU A 234 15.42 -3.45 11.90
C LEU A 234 16.78 -3.31 12.60
N GLU A 235 16.77 -2.93 13.87
CA GLU A 235 18.06 -2.72 14.59
C GLU A 235 18.80 -4.07 14.74
N GLY A 236 18.09 -5.17 14.81
CA GLY A 236 18.70 -6.50 14.90
C GLY A 236 19.37 -6.89 13.59
N VAL A 237 18.77 -6.53 12.47
CA VAL A 237 19.39 -6.77 11.15
C VAL A 237 20.61 -5.84 10.95
N LYS A 238 20.44 -4.54 11.21
CA LYS A 238 21.50 -3.56 10.99
C LYS A 238 22.76 -3.90 11.80
N ALA A 239 22.60 -4.48 12.98
CA ALA A 239 23.77 -4.78 13.82
C ALA A 239 24.64 -5.84 13.14
N ASN A 240 24.06 -6.65 12.28
CA ASN A 240 24.71 -7.85 11.75
C ASN A 240 25.03 -7.77 10.25
N PHE A 241 24.51 -6.81 9.51
CA PHE A 241 24.63 -6.70 8.04
C PHE A 241 25.01 -5.30 7.63
N PRO A 242 25.92 -5.20 6.67
CA PRO A 242 26.36 -3.88 6.26
C PRO A 242 25.43 -3.15 5.31
N ILE A 243 24.63 -3.94 4.54
CA ILE A 243 23.65 -3.40 3.58
C ILE A 243 22.28 -3.85 4.06
N VAL A 244 21.43 -2.89 4.30
CA VAL A 244 20.05 -3.18 4.77
C VAL A 244 19.09 -2.38 3.88
N ALA A 245 18.17 -3.04 3.18
CA ALA A 245 17.13 -2.42 2.38
C ALA A 245 15.78 -2.66 3.07
N GLU A 246 14.98 -1.62 3.14
CA GLU A 246 13.62 -1.66 3.71
C GLU A 246 12.63 -1.40 2.59
N TYR A 247 11.59 -2.24 2.45
CA TYR A 247 10.58 -1.99 1.43
C TYR A 247 9.24 -2.59 1.91
N GLU A 248 8.18 -2.14 1.30
CA GLU A 248 6.82 -2.59 1.76
C GLU A 248 5.93 -2.79 0.59
N VAL A 249 4.89 -3.62 0.74
CA VAL A 249 3.90 -3.88 -0.31
C VAL A 249 2.53 -4.04 0.32
N TRP A 250 1.53 -3.34 -0.13
CA TRP A 250 0.15 -3.52 0.33
C TRP A 250 -0.37 -4.91 0.00
N ILE A 251 -0.86 -5.59 1.04
CA ILE A 251 -1.52 -6.91 0.95
C ILE A 251 -2.95 -6.70 1.38
N PRO A 252 -3.91 -6.59 0.42
CA PRO A 252 -5.27 -6.27 0.78
C PRO A 252 -5.84 -7.11 1.92
N SER A 253 -5.70 -8.42 1.80
CA SER A 253 -6.34 -9.33 2.77
C SER A 253 -5.80 -9.14 4.21
N PHE A 254 -4.61 -8.56 4.40
CA PHE A 254 -4.02 -8.37 5.72
C PHE A 254 -4.49 -7.02 6.28
N GLY A 255 -4.87 -6.06 5.42
CA GLY A 255 -5.22 -4.72 5.87
C GLY A 255 -4.06 -3.76 5.98
N TYR A 256 -2.89 -4.11 5.47
CA TYR A 256 -1.75 -3.20 5.58
C TYR A 256 -0.67 -3.57 4.56
N ALA A 257 0.32 -2.67 4.46
CA ALA A 257 1.51 -2.92 3.63
C ALA A 257 2.53 -3.66 4.50
N VAL A 258 2.85 -4.88 4.14
CA VAL A 258 3.81 -5.66 4.89
C VAL A 258 5.18 -5.06 4.66
N ASN A 259 5.93 -4.91 5.74
CA ASN A 259 7.29 -4.42 5.68
C ASN A 259 8.24 -5.61 5.53
N PHE A 260 9.23 -5.47 4.68
CA PHE A 260 10.31 -6.44 4.49
C PHE A 260 11.65 -5.73 4.78
N ILE A 261 12.54 -6.53 5.34
CA ILE A 261 13.90 -6.05 5.63
C ILE A 261 14.85 -7.05 5.03
N LEU A 262 15.73 -6.57 4.16
CA LEU A 262 16.75 -7.40 3.47
C LEU A 262 18.11 -6.96 3.96
N GLY A 263 18.87 -7.91 4.45
CA GLY A 263 20.25 -7.72 4.85
C GLY A 263 21.22 -8.47 3.93
N SER A 264 22.30 -7.79 3.54
CA SER A 264 23.20 -8.36 2.56
C SER A 264 24.62 -8.11 3.03
N LEU A 265 25.43 -9.11 2.77
CA LEU A 265 26.85 -9.09 3.14
C LEU A 265 27.72 -8.45 2.06
N ARG A 266 27.28 -8.50 0.78
N ARG A 266 27.24 -8.38 0.81
CA ARG A 266 28.16 -8.09 -0.35
CA ARG A 266 28.12 -7.93 -0.30
C ARG A 266 27.41 -7.27 -1.39
C ARG A 266 27.32 -7.15 -1.34
N TYR A 267 26.25 -7.75 -1.88
CA TYR A 267 25.55 -7.17 -3.07
C TYR A 267 24.43 -6.22 -2.65
N ASP A 268 24.36 -5.06 -3.27
CA ASP A 268 23.37 -4.03 -2.88
C ASP A 268 22.17 -4.10 -3.81
N PRO A 269 20.95 -4.41 -3.33
CA PRO A 269 19.79 -4.49 -4.23
C PRO A 269 19.47 -3.15 -4.87
N HIS A 270 19.94 -2.05 -4.28
CA HIS A 270 19.70 -0.75 -4.92
C HIS A 270 20.52 -0.58 -6.18
N ALA A 271 21.58 -1.36 -6.38
CA ALA A 271 22.48 -1.19 -7.55
C ALA A 271 21.93 -1.95 -8.77
N LEU A 272 20.84 -2.69 -8.61
CA LEU A 272 20.37 -3.49 -9.74
C LEU A 272 19.32 -2.68 -10.54
N THR A 273 19.59 -2.38 -11.80
CA THR A 273 18.67 -1.62 -12.68
C THR A 273 17.54 -2.54 -13.10
N PRO A 274 16.43 -1.99 -13.61
CA PRO A 274 15.36 -2.84 -14.07
C PRO A 274 15.78 -3.83 -15.15
N SER A 275 16.63 -3.37 -16.06
CA SER A 275 17.11 -4.29 -17.14
C SER A 275 17.91 -5.45 -16.59
N GLU A 276 18.72 -5.17 -15.59
CA GLU A 276 19.51 -6.25 -14.95
C GLU A 276 18.60 -7.24 -14.24
N VAL A 277 17.61 -6.73 -13.52
CA VAL A 277 16.64 -7.63 -12.85
C VAL A 277 15.92 -8.52 -13.88
N ASP A 278 15.42 -7.88 -14.93
CA ASP A 278 14.61 -8.60 -15.93
C ASP A 278 15.47 -9.67 -16.62
N GLU A 279 16.75 -9.35 -16.88
CA GLU A 279 17.66 -10.31 -17.54
C GLU A 279 17.92 -11.52 -16.64
N ARG A 280 18.13 -11.26 -15.34
CA ARG A 280 18.35 -12.36 -14.38
C ARG A 280 17.09 -13.22 -14.28
N LEU A 281 15.91 -12.59 -14.19
CA LEU A 281 14.66 -13.40 -14.15
C LEU A 281 14.55 -14.24 -15.41
N ARG A 282 14.85 -13.66 -16.56
CA ARG A 282 14.73 -14.40 -17.83
C ARG A 282 15.74 -15.56 -17.87
N ALA A 283 17.00 -15.27 -17.54
CA ALA A 283 18.06 -16.30 -17.63
C ALA A 283 17.73 -17.47 -16.71
N ARG A 284 17.08 -17.20 -15.58
CA ARG A 284 16.82 -18.22 -14.55
C ARG A 284 15.46 -18.88 -14.76
N GLY A 285 14.72 -18.42 -15.76
CA GLY A 285 13.39 -19.01 -16.06
C GLY A 285 12.29 -18.64 -15.06
N VAL A 286 12.40 -17.50 -14.42
CA VAL A 286 11.42 -17.08 -13.38
C VAL A 286 10.24 -16.35 -14.01
N LYS A 287 9.07 -16.92 -13.85
CA LYS A 287 7.78 -16.32 -14.28
C LYS A 287 7.08 -15.77 -13.06
N THR A 288 6.59 -14.54 -13.13
CA THR A 288 5.92 -13.91 -12.01
C THR A 288 4.61 -13.28 -12.46
N ALA A 289 3.75 -12.98 -11.48
CA ALA A 289 2.52 -12.21 -11.70
C ALA A 289 2.70 -10.73 -11.35
N PHE A 290 3.71 -10.38 -10.59
CA PHE A 290 3.88 -9.02 -10.03
C PHE A 290 5.32 -8.53 -10.24
N TYR A 291 6.28 -9.25 -9.65
CA TYR A 291 7.66 -8.74 -9.62
C TYR A 291 8.29 -8.63 -11.04
N THR A 292 8.90 -7.49 -11.27
CA THR A 292 9.62 -7.10 -12.50
C THR A 292 10.75 -6.17 -12.10
N GLY A 293 11.62 -5.83 -13.05
CA GLY A 293 12.64 -4.83 -12.79
C GLY A 293 12.07 -3.50 -12.38
N ARG A 294 10.97 -3.07 -12.98
CA ARG A 294 10.37 -1.78 -12.59
C ARG A 294 9.82 -1.85 -11.15
N VAL A 295 9.20 -2.98 -10.81
CA VAL A 295 8.78 -3.17 -9.40
C VAL A 295 9.97 -3.08 -8.46
N HIS A 296 11.07 -3.74 -8.82
CA HIS A 296 12.26 -3.67 -7.97
C HIS A 296 12.67 -2.20 -7.79
N LEU A 297 12.76 -1.43 -8.85
CA LEU A 297 13.13 -0.02 -8.75
C LEU A 297 12.17 0.73 -7.81
N ALA A 298 10.88 0.50 -7.93
CA ALA A 298 9.93 1.17 -7.05
C ALA A 298 10.13 0.74 -5.58
N LEU A 299 10.32 -0.55 -5.32
CA LEU A 299 10.54 -1.02 -3.95
C LEU A 299 11.79 -0.36 -3.38
N MET A 300 12.81 -0.18 -4.19
CA MET A 300 14.09 0.40 -3.76
C MET A 300 13.99 1.89 -3.50
N ASN A 301 12.93 2.53 -3.96
CA ASN A 301 12.84 3.99 -3.84
C ASN A 301 11.68 4.48 -2.97
N MET A 302 10.69 3.66 -2.69
CA MET A 302 9.53 4.12 -1.93
C MET A 302 9.83 4.04 -0.44
N PRO A 303 9.76 5.18 0.30
CA PRO A 303 9.96 5.13 1.74
C PRO A 303 8.80 4.32 2.37
N ILE A 304 9.07 3.75 3.54
CA ILE A 304 8.02 2.95 4.25
C ILE A 304 7.10 3.92 5.00
N HIS A 305 5.90 3.44 5.26
CA HIS A 305 4.89 4.27 5.93
C HIS A 305 5.16 4.36 7.44
N ARG A 306 4.85 5.55 7.98
CA ARG A 306 4.88 5.78 9.41
C ARG A 306 3.72 6.71 9.72
N LYS A 307 3.22 6.67 10.95
CA LYS A 307 2.21 7.65 11.36
C LYS A 307 2.84 9.02 11.25
N LEU A 308 2.16 9.99 10.62
CA LEU A 308 2.78 11.30 10.35
C LEU A 308 2.43 12.32 11.42
N ARG A 309 1.43 12.05 12.24
CA ARG A 309 1.03 12.90 13.37
C ARG A 309 0.73 11.99 14.56
N LYS B 23 -6.05 -6.72 22.88
CA LYS B 23 -6.86 -5.42 22.62
C LYS B 23 -7.62 -5.60 21.32
N VAL B 24 -8.89 -5.19 21.34
CA VAL B 24 -9.79 -5.24 20.14
C VAL B 24 -10.53 -3.89 20.01
N PRO B 25 -11.07 -3.52 18.81
CA PRO B 25 -11.62 -2.20 18.76
C PRO B 25 -12.92 -2.03 19.53
N GLY B 26 -12.92 -1.02 20.36
CA GLY B 26 -14.13 -0.57 21.04
C GLY B 26 -13.77 0.08 22.35
N PRO B 27 -14.79 0.34 23.18
CA PRO B 27 -16.16 -0.09 22.95
C PRO B 27 -16.95 0.62 21.85
N ILE B 28 -16.59 1.87 21.53
CA ILE B 28 -17.31 2.64 20.50
C ILE B 28 -16.45 2.58 19.23
N THR B 29 -17.09 2.21 18.13
CA THR B 29 -16.40 1.88 16.90
C THR B 29 -17.12 2.48 15.69
N LEU B 30 -16.33 2.84 14.73
CA LEU B 30 -16.82 3.19 13.36
C LEU B 30 -16.75 1.89 12.56
N ILE B 31 -17.84 1.60 11.86
CA ILE B 31 -17.85 0.56 10.82
C ILE B 31 -17.68 1.26 9.49
N GLU B 32 -16.47 1.25 8.99
CA GLU B 32 -16.13 1.96 7.76
C GLU B 32 -16.29 0.98 6.61
N PRO B 33 -17.24 1.22 5.68
CA PRO B 33 -17.33 0.33 4.52
C PRO B 33 -16.04 0.40 3.70
N LEU B 34 -15.79 -0.67 2.98
CA LEU B 34 -14.67 -0.73 2.04
C LEU B 34 -15.22 -1.31 0.75
N SER B 35 -15.40 -2.59 0.63
CA SER B 35 -15.77 -3.23 -0.65
C SER B 35 -17.17 -3.76 -0.72
N GLY B 36 -17.87 -3.79 0.40
CA GLY B 36 -19.10 -4.57 0.53
C GLY B 36 -18.86 -5.94 1.16
N ASN B 37 -17.74 -6.53 0.86
CA ASN B 37 -17.34 -7.84 1.38
C ASN B 37 -16.17 -7.74 2.40
N THR B 38 -15.65 -6.54 2.60
CA THR B 38 -14.68 -6.21 3.65
C THR B 38 -15.11 -4.84 4.16
N SER B 39 -15.06 -4.63 5.44
CA SER B 39 -15.18 -3.34 6.10
C SER B 39 -14.10 -3.22 7.18
N LEU B 40 -13.86 -1.99 7.67
CA LEU B 40 -12.92 -1.75 8.79
C LEU B 40 -13.74 -1.43 10.05
N LEU B 41 -13.25 -1.89 11.17
N LEU B 41 -13.31 -1.98 11.17
CA LEU B 41 -13.81 -1.64 12.50
CA LEU B 41 -13.79 -1.69 12.55
C LEU B 41 -12.77 -0.82 13.22
C LEU B 41 -12.73 -0.80 13.20
N ILE B 42 -13.11 0.45 13.52
CA ILE B 42 -12.12 1.45 13.97
C ILE B 42 -12.55 2.04 15.30
N LYS B 43 -11.73 1.95 16.31
CA LYS B 43 -12.06 2.53 17.64
C LYS B 43 -12.22 4.03 17.52
N ILE B 44 -13.31 4.51 18.08
CA ILE B 44 -13.67 5.95 18.15
C ILE B 44 -13.51 6.39 19.60
N ASN B 45 -12.87 7.55 19.81
CA ASN B 45 -12.70 8.12 21.15
C ASN B 45 -13.70 9.23 21.44
N ALA B 46 -14.17 9.92 20.45
CA ALA B 46 -15.02 11.11 20.62
C ALA B 46 -15.74 11.38 19.31
N ILE B 47 -16.89 12.04 19.40
CA ILE B 47 -17.64 12.56 18.26
C ILE B 47 -17.72 14.07 18.47
N HIS B 48 -17.19 14.84 17.53
CA HIS B 48 -17.14 16.33 17.61
C HIS B 48 -18.35 16.96 16.93
N SER B 49 -18.81 16.41 15.82
CA SER B 49 -19.88 17.00 14.99
C SER B 49 -20.56 15.92 14.17
N VAL B 50 -21.88 16.00 14.06
CA VAL B 50 -22.74 15.18 13.16
C VAL B 50 -23.69 16.14 12.47
N LYS B 51 -23.72 16.08 11.15
CA LYS B 51 -24.59 16.96 10.37
C LYS B 51 -25.07 16.17 9.17
N LYS B 52 -26.37 16.08 8.98
CA LYS B 52 -26.95 15.64 7.70
C LYS B 52 -27.14 16.89 6.83
N SER B 53 -26.24 17.08 5.86
CA SER B 53 -26.32 18.21 4.93
C SER B 53 -27.35 17.87 3.87
N PRO B 54 -27.66 18.81 2.96
CA PRO B 54 -28.48 18.46 1.81
C PRO B 54 -27.92 17.40 0.88
N TYR B 55 -26.62 17.14 1.01
CA TYR B 55 -25.89 16.30 0.05
C TYR B 55 -25.43 14.99 0.66
N GLN B 56 -25.08 14.95 1.94
CA GLN B 56 -24.42 13.77 2.54
C GLN B 56 -24.42 13.87 4.09
N GLU B 57 -24.12 12.75 4.72
CA GLU B 57 -24.00 12.62 6.19
C GLU B 57 -22.55 12.90 6.58
N ILE B 58 -22.34 13.91 7.41
CA ILE B 58 -20.99 14.36 7.82
C ILE B 58 -20.78 14.00 9.29
N ILE B 59 -19.63 13.41 9.61
CA ILE B 59 -19.24 13.18 11.01
C ILE B 59 -17.81 13.68 11.10
N ILE B 60 -17.50 14.43 12.14
CA ILE B 60 -16.13 14.71 12.52
C ILE B 60 -15.90 14.04 13.88
N ALA B 61 -14.91 13.17 13.95
CA ALA B 61 -14.70 12.30 15.12
C ALA B 61 -13.24 12.10 15.36
N ASP B 62 -12.92 11.59 16.54
N ASP B 62 -12.89 11.61 16.56
CA ASP B 62 -11.53 11.22 16.87
CA ASP B 62 -11.50 11.23 16.88
C ASP B 62 -11.45 9.69 16.82
C ASP B 62 -11.39 9.71 16.89
N THR B 63 -10.44 9.17 16.14
CA THR B 63 -10.13 7.74 16.17
C THR B 63 -8.83 7.51 16.91
N GLU B 64 -8.68 6.35 17.56
CA GLU B 64 -7.44 6.02 18.25
C GLU B 64 -6.26 5.84 17.28
N ASP B 65 -6.45 5.10 16.21
CA ASP B 65 -5.30 4.83 15.33
C ASP B 65 -4.97 6.04 14.43
N TYR B 66 -5.94 6.85 14.05
CA TYR B 66 -5.74 7.81 12.94
C TYR B 66 -5.93 9.24 13.40
N GLY B 67 -6.21 9.46 14.67
CA GLY B 67 -6.55 10.82 15.14
C GLY B 67 -7.86 11.33 14.54
N ARG B 68 -7.97 12.66 14.46
CA ARG B 68 -9.22 13.25 14.00
C ARG B 68 -9.49 12.89 12.54
N VAL B 69 -10.77 12.65 12.22
CA VAL B 69 -11.20 12.27 10.88
C VAL B 69 -12.40 13.08 10.44
N LEU B 70 -12.49 13.28 9.13
CA LEU B 70 -13.73 13.62 8.44
C LEU B 70 -14.32 12.34 7.84
N ILE B 71 -15.58 12.09 8.11
CA ILE B 71 -16.33 10.94 7.58
C ILE B 71 -17.50 11.49 6.75
N LEU B 72 -17.66 10.96 5.54
CA LEU B 72 -18.79 11.32 4.68
C LEU B 72 -19.47 10.06 4.24
N ASP B 73 -20.75 9.92 4.60
CA ASP B 73 -21.53 8.72 4.28
C ASP B 73 -20.78 7.45 4.71
N ASP B 74 -20.17 7.54 5.89
CA ASP B 74 -19.54 6.42 6.64
C ASP B 74 -18.08 6.17 6.23
N TYR B 75 -17.62 6.83 5.16
CA TYR B 75 -16.25 6.64 4.66
C TYR B 75 -15.35 7.74 5.20
N ILE B 76 -14.24 7.33 5.82
CA ILE B 76 -13.19 8.32 6.20
C ILE B 76 -12.67 8.96 4.93
N GLN B 77 -12.66 10.28 4.93
CA GLN B 77 -12.15 11.06 3.80
C GLN B 77 -10.72 11.50 4.04
N SER B 78 -10.36 11.68 5.30
CA SER B 78 -9.05 12.17 5.70
C SER B 78 -8.87 11.97 7.18
N SER B 79 -7.64 11.69 7.59
CA SER B 79 -7.30 11.56 9.01
C SER B 79 -6.09 12.41 9.31
N TYR B 80 -5.97 12.85 10.56
CA TYR B 80 -4.78 13.63 10.92
C TYR B 80 -3.50 12.83 10.70
N VAL B 81 -3.51 11.51 10.98
CA VAL B 81 -2.28 10.73 11.00
C VAL B 81 -1.77 10.41 9.60
N ASP B 82 -2.65 10.32 8.60
CA ASP B 82 -2.21 9.84 7.25
C ASP B 82 -2.75 10.69 6.09
N GLU B 83 -3.45 11.82 6.36
CA GLU B 83 -3.96 12.59 5.21
C GLU B 83 -2.81 13.09 4.35
N GLN B 84 -1.68 13.44 4.91
CA GLN B 84 -0.60 14.00 4.07
C GLN B 84 -0.16 12.99 3.03
N TYR B 85 -0.20 11.68 3.31
CA TYR B 85 0.07 10.72 2.21
C TYR B 85 -0.88 10.97 1.07
N TYR B 86 -2.16 11.11 1.40
CA TYR B 86 -3.18 11.27 0.33
C TYR B 86 -2.97 12.58 -0.37
N HIS B 87 -2.93 13.69 0.37
CA HIS B 87 -2.96 15.02 -0.26
C HIS B 87 -1.66 15.30 -1.02
N GLU B 88 -0.52 14.91 -0.48
CA GLU B 88 0.73 15.12 -1.21
C GLU B 88 0.76 14.26 -2.48
N SER B 89 0.28 13.03 -2.41
CA SER B 89 0.29 12.14 -3.58
C SER B 89 -0.70 12.63 -4.61
N LEU B 90 -1.84 13.19 -4.22
CA LEU B 90 -2.82 13.72 -5.19
C LEU B 90 -2.23 14.93 -5.91
N VAL B 91 -1.58 15.81 -5.20
CA VAL B 91 -1.26 17.15 -5.71
C VAL B 91 0.14 17.25 -6.33
N HIS B 92 1.18 16.75 -5.69
CA HIS B 92 2.53 17.17 -6.11
C HIS B 92 3.02 16.48 -7.38
N PRO B 93 2.71 15.21 -7.70
CA PRO B 93 3.17 14.71 -9.00
C PRO B 93 2.71 15.57 -10.16
N ALA B 94 1.46 15.98 -10.15
CA ALA B 94 0.93 16.81 -11.26
C ALA B 94 1.56 18.22 -11.19
N MET B 95 1.60 18.82 -10.01
CA MET B 95 2.16 20.19 -9.91
C MET B 95 3.63 20.20 -10.29
N ALA B 96 4.39 19.18 -9.91
CA ALA B 96 5.83 19.14 -10.21
C ALA B 96 6.04 18.82 -11.68
N THR B 97 5.15 18.10 -12.33
CA THR B 97 5.24 17.76 -13.76
C THR B 97 5.06 19.02 -14.59
N HIS B 98 4.18 19.90 -14.18
CA HIS B 98 3.94 21.14 -14.95
C HIS B 98 5.11 22.08 -14.67
N PRO B 99 5.80 22.60 -15.71
CA PRO B 99 6.95 23.48 -15.45
C PRO B 99 6.60 24.88 -14.94
N ASN B 100 5.33 25.28 -14.95
CA ASN B 100 4.95 26.65 -14.49
C ASN B 100 3.46 26.69 -14.19
N PRO B 101 3.00 26.01 -13.13
CA PRO B 101 1.57 26.03 -12.78
C PRO B 101 1.17 27.32 -12.01
N ARG B 102 0.48 28.22 -12.72
CA ARG B 102 0.07 29.53 -12.17
C ARG B 102 -1.39 29.50 -11.71
N ASP B 103 -2.22 28.84 -12.49
CA ASP B 103 -3.68 28.80 -12.27
C ASP B 103 -4.10 27.37 -11.98
N VAL B 104 -4.68 27.17 -10.81
CA VAL B 104 -5.02 25.82 -10.30
C VAL B 104 -6.54 25.80 -9.98
N LEU B 105 -7.21 24.75 -10.42
CA LEU B 105 -8.60 24.47 -10.04
C LEU B 105 -8.64 23.17 -9.25
N ILE B 106 -9.35 23.18 -8.13
CA ILE B 106 -9.61 22.00 -7.31
C ILE B 106 -11.12 21.76 -7.30
N LEU B 107 -11.56 20.58 -7.64
CA LEU B 107 -12.95 20.16 -7.51
C LEU B 107 -13.02 19.21 -6.31
N GLY B 108 -13.89 19.55 -5.37
CA GLY B 108 -13.94 18.85 -4.08
C GLY B 108 -12.94 19.41 -3.11
N GLY B 109 -12.29 18.53 -2.34
CA GLY B 109 -11.27 19.03 -1.43
C GLY B 109 -11.79 19.85 -0.23
N GLY B 110 -12.97 19.50 0.25
CA GLY B 110 -13.68 20.28 1.25
C GLY B 110 -12.94 20.57 2.54
N GLU B 111 -12.02 19.71 2.95
CA GLU B 111 -11.28 19.97 4.18
C GLU B 111 -10.14 20.96 4.00
N GLY B 112 -9.82 21.31 2.76
CA GLY B 112 -8.82 22.36 2.55
C GLY B 112 -7.38 21.91 2.35
N ALA B 113 -7.12 20.63 2.56
CA ALA B 113 -5.74 20.10 2.50
C ALA B 113 -5.21 20.00 1.05
N THR B 114 -6.07 19.74 0.10
CA THR B 114 -5.65 19.75 -1.29
C THR B 114 -5.18 21.17 -1.69
N LEU B 115 -5.98 22.16 -1.30
CA LEU B 115 -5.63 23.55 -1.50
C LEU B 115 -4.32 23.91 -0.80
N ARG B 116 -4.21 23.50 0.45
CA ARG B 116 -2.96 23.68 1.21
C ARG B 116 -1.75 23.21 0.41
N GLU B 117 -1.79 21.99 -0.09
CA GLU B 117 -0.63 21.49 -0.83
C GLU B 117 -0.40 22.29 -2.13
N ALA B 118 -1.42 22.59 -2.87
CA ALA B 118 -1.25 23.28 -4.17
C ALA B 118 -0.64 24.67 -3.95
N LEU B 119 -1.07 25.35 -2.91
CA LEU B 119 -0.58 26.72 -2.60
C LEU B 119 0.90 26.73 -2.25
N LYS B 120 1.47 25.60 -1.90
CA LYS B 120 2.92 25.58 -1.57
C LYS B 120 3.78 25.94 -2.79
N HIS B 121 3.27 25.68 -3.96
CA HIS B 121 4.01 25.96 -5.21
C HIS B 121 4.04 27.48 -5.46
N GLY B 122 5.23 28.05 -5.39
CA GLY B 122 5.38 29.51 -5.47
C GLY B 122 5.00 30.09 -6.83
N THR B 123 4.92 29.26 -7.86
CA THR B 123 4.42 29.65 -9.21
C THR B 123 2.92 30.00 -9.17
N VAL B 124 2.16 29.45 -8.21
CA VAL B 124 0.69 29.59 -8.21
C VAL B 124 0.33 31.04 -7.87
N LYS B 125 -0.48 31.62 -8.75
CA LYS B 125 -1.03 32.96 -8.53
C LYS B 125 -2.50 32.92 -8.17
N ARG B 126 -3.22 31.93 -8.67
CA ARG B 126 -4.67 31.83 -8.45
C ARG B 126 -4.98 30.35 -8.20
N ALA B 127 -5.65 30.05 -7.11
CA ALA B 127 -6.12 28.67 -6.86
C ALA B 127 -7.60 28.77 -6.50
N VAL B 128 -8.44 28.07 -7.23
CA VAL B 128 -9.90 28.04 -6.96
C VAL B 128 -10.23 26.64 -6.45
N MET B 129 -10.97 26.55 -5.35
CA MET B 129 -11.50 25.27 -4.84
C MET B 129 -13.03 25.33 -4.90
N VAL B 130 -13.64 24.30 -5.48
CA VAL B 130 -15.10 24.24 -5.71
C VAL B 130 -15.61 22.98 -5.01
N ASP B 131 -16.40 23.20 -3.96
CA ASP B 131 -17.04 22.07 -3.25
C ASP B 131 -18.56 22.30 -3.24
N ILE B 132 -19.31 21.24 -3.49
CA ILE B 132 -20.79 21.31 -3.52
C ILE B 132 -21.36 21.63 -2.14
N ASP B 133 -20.66 21.27 -1.08
CA ASP B 133 -21.29 21.19 0.25
C ASP B 133 -20.66 22.20 1.23
N ARG B 134 -21.36 23.33 1.43
N ARG B 134 -21.36 23.32 1.47
CA ARG B 134 -20.93 24.40 2.38
CA ARG B 134 -20.86 24.37 2.37
C ARG B 134 -20.67 23.79 3.77
C ARG B 134 -20.65 23.78 3.78
N ASP B 135 -21.48 22.79 4.16
CA ASP B 135 -21.38 22.22 5.53
C ASP B 135 -20.05 21.49 5.70
N VAL B 136 -19.55 20.84 4.63
CA VAL B 136 -18.24 20.19 4.77
C VAL B 136 -17.15 21.27 4.96
N VAL B 137 -17.18 22.31 4.15
CA VAL B 137 -16.15 23.36 4.27
C VAL B 137 -16.26 24.07 5.62
N GLU B 138 -17.47 24.42 6.05
CA GLU B 138 -17.60 25.14 7.33
C GLU B 138 -17.22 24.22 8.51
N LEU B 139 -17.62 22.97 8.51
CA LEU B 139 -17.22 22.09 9.62
C LEU B 139 -15.72 21.83 9.57
N SER B 140 -15.12 21.74 8.39
CA SER B 140 -13.67 21.57 8.30
C SER B 140 -12.99 22.82 8.84
N ARG B 141 -13.49 23.98 8.46
CA ARG B 141 -12.89 25.22 9.00
C ARG B 141 -12.84 25.12 10.52
N ALA B 142 -13.96 24.73 11.13
CA ALA B 142 -14.13 24.76 12.61
C ALA B 142 -13.37 23.66 13.32
N TYR B 143 -13.31 22.46 12.75
CA TYR B 143 -12.86 21.27 13.48
C TYR B 143 -11.59 20.62 12.92
N LEU B 144 -11.13 21.00 11.72
CA LEU B 144 -10.00 20.31 11.10
C LEU B 144 -8.86 21.29 10.78
N PRO B 145 -8.41 22.11 11.76
CA PRO B 145 -7.37 23.09 11.44
C PRO B 145 -6.05 22.50 10.97
N GLN B 146 -5.70 21.26 11.35
CA GLN B 146 -4.42 20.67 10.86
C GLN B 146 -4.55 20.25 9.39
N MET B 147 -5.77 20.19 8.84
CA MET B 147 -5.98 19.90 7.42
C MET B 147 -5.88 21.19 6.61
N HIS B 148 -6.74 22.17 6.87
CA HIS B 148 -6.75 23.39 6.04
C HIS B 148 -5.50 24.23 6.30
N GLN B 149 -5.05 24.33 7.56
CA GLN B 149 -3.91 25.16 7.97
C GLN B 149 -3.98 26.58 7.41
N GLY B 150 -5.17 27.16 7.39
CA GLY B 150 -5.35 28.55 6.90
C GLY B 150 -5.49 28.71 5.39
N ALA B 151 -5.48 27.61 4.63
CA ALA B 151 -5.40 27.70 3.17
C ALA B 151 -6.60 28.49 2.64
N PHE B 152 -7.78 28.34 3.25
CA PHE B 152 -9.01 28.98 2.77
C PHE B 152 -8.84 30.50 2.78
N ASP B 153 -7.90 31.02 3.60
CA ASP B 153 -7.71 32.48 3.80
C ASP B 153 -6.53 33.02 2.99
N ASP B 154 -5.80 32.17 2.28
CA ASP B 154 -4.68 32.66 1.43
C ASP B 154 -5.22 33.64 0.40
N PRO B 155 -4.61 34.83 0.23
CA PRO B 155 -5.10 35.78 -0.76
C PRO B 155 -5.12 35.27 -2.21
N ARG B 156 -4.35 34.20 -2.53
CA ARG B 156 -4.38 33.57 -3.87
C ARG B 156 -5.53 32.57 -4.04
N ALA B 157 -6.24 32.26 -2.96
CA ALA B 157 -7.25 31.19 -2.97
C ALA B 157 -8.65 31.83 -3.08
N LYS B 158 -9.52 31.15 -3.78
CA LYS B 158 -10.96 31.43 -3.77
C LYS B 158 -11.69 30.10 -3.47
N VAL B 159 -12.58 30.13 -2.52
CA VAL B 159 -13.46 28.98 -2.22
C VAL B 159 -14.84 29.27 -2.77
N VAL B 160 -15.34 28.36 -3.60
CA VAL B 160 -16.65 28.45 -4.27
C VAL B 160 -17.49 27.29 -3.82
N ILE B 161 -18.72 27.55 -3.36
CA ILE B 161 -19.72 26.51 -3.10
C ILE B 161 -20.62 26.32 -4.31
N GLN B 162 -20.40 25.24 -5.04
CA GLN B 162 -21.12 24.96 -6.29
C GLN B 162 -20.90 23.49 -6.61
N ASP B 163 -21.83 22.91 -7.31
CA ASP B 163 -21.56 21.62 -8.02
C ASP B 163 -20.41 21.88 -9.02
N GLY B 164 -19.37 21.09 -8.96
CA GLY B 164 -18.26 21.24 -9.89
C GLY B 164 -18.69 21.07 -11.33
N PHE B 165 -19.73 20.29 -11.60
CA PHE B 165 -20.21 20.12 -12.99
C PHE B 165 -20.65 21.48 -13.51
N VAL B 166 -21.45 22.20 -12.71
CA VAL B 166 -21.95 23.53 -13.12
C VAL B 166 -20.79 24.49 -13.19
N TYR B 167 -19.88 24.47 -12.24
CA TYR B 167 -18.73 25.41 -12.31
C TYR B 167 -17.98 25.23 -13.64
N VAL B 168 -17.74 23.99 -14.03
CA VAL B 168 -16.95 23.72 -15.25
C VAL B 168 -17.76 24.19 -16.45
N GLU B 169 -19.08 23.95 -16.50
CA GLU B 169 -19.91 24.45 -17.63
C GLU B 169 -19.80 25.99 -17.67
N GLU B 170 -19.85 26.71 -16.54
CA GLU B 170 -19.74 28.21 -16.55
C GLU B 170 -18.32 28.63 -16.97
N ALA B 171 -17.32 27.85 -16.63
CA ALA B 171 -15.94 28.19 -16.97
C ALA B 171 -15.78 28.13 -18.49
N ILE B 172 -16.41 27.15 -19.12
CA ILE B 172 -16.35 26.95 -20.59
C ILE B 172 -17.03 28.18 -21.22
N LYS B 173 -18.21 28.59 -20.73
CA LYS B 173 -18.94 29.75 -21.32
C LYS B 173 -18.01 30.97 -21.22
N ALA B 174 -17.23 31.07 -20.12
CA ALA B 174 -16.37 32.26 -19.85
C ALA B 174 -15.03 32.18 -20.59
N GLY B 175 -14.68 31.00 -21.14
CA GLY B 175 -13.36 30.79 -21.78
C GLY B 175 -12.24 30.75 -20.74
N ASP B 176 -12.59 30.37 -19.51
CA ASP B 176 -11.66 30.23 -18.34
CA ASP B 176 -11.58 30.30 -18.41
C ASP B 176 -10.68 29.08 -18.65
N LYS B 177 -9.42 29.24 -18.31
CA LYS B 177 -8.41 28.19 -18.54
C LYS B 177 -7.52 28.06 -17.29
N TYR B 178 -7.11 26.83 -16.99
CA TYR B 178 -6.21 26.52 -15.87
C TYR B 178 -5.01 25.74 -16.38
N ASP B 179 -3.97 25.74 -15.55
CA ASP B 179 -2.73 24.97 -15.82
C ASP B 179 -2.88 23.55 -15.23
N VAL B 180 -3.40 23.42 -14.01
CA VAL B 180 -3.52 22.12 -13.30
C VAL B 180 -4.92 22.08 -12.75
N ILE B 181 -5.62 20.99 -13.02
CA ILE B 181 -6.95 20.74 -12.42
C ILE B 181 -6.83 19.47 -11.57
N ILE B 182 -7.25 19.57 -10.31
CA ILE B 182 -7.14 18.50 -9.31
C ILE B 182 -8.55 18.12 -8.89
N MET B 183 -8.90 16.87 -9.14
CA MET B 183 -10.20 16.37 -8.74
C MET B 183 -10.01 15.54 -7.47
N ASP B 184 -10.63 16.02 -6.39
CA ASP B 184 -10.52 15.46 -5.04
C ASP B 184 -11.95 15.25 -4.54
N LEU B 185 -12.68 14.40 -5.23
CA LEU B 185 -14.10 14.19 -4.99
C LEU B 185 -14.30 12.95 -4.09
N THR B 186 -15.53 12.77 -3.63
CA THR B 186 -15.99 11.50 -3.07
C THR B 186 -15.85 10.42 -4.13
N ASP B 187 -15.91 9.18 -3.68
CA ASP B 187 -15.46 8.02 -4.51
C ASP B 187 -16.36 7.73 -5.71
N PRO B 188 -15.74 7.28 -6.84
CA PRO B 188 -16.54 7.00 -8.06
C PRO B 188 -17.44 5.78 -7.85
N TYR B 189 -17.09 4.89 -6.91
CA TYR B 189 -17.81 3.61 -6.71
C TYR B 189 -18.94 3.76 -5.70
N SER B 190 -19.05 4.87 -4.98
CA SER B 190 -20.08 4.99 -3.92
C SER B 190 -20.90 6.28 -4.00
N SER B 191 -20.41 7.33 -4.65
CA SER B 191 -20.94 8.70 -4.46
C SER B 191 -21.89 9.13 -5.56
N ASP B 192 -23.18 9.22 -5.29
CA ASP B 192 -24.08 9.77 -6.31
C ASP B 192 -23.74 11.21 -6.65
N ILE B 193 -23.42 12.02 -5.66
CA ILE B 193 -23.23 13.48 -5.89
C ILE B 193 -22.05 13.75 -6.81
N ALA B 194 -21.08 12.85 -6.93
CA ALA B 194 -19.86 13.07 -7.75
C ALA B 194 -19.95 12.33 -9.05
N LYS B 195 -20.99 11.53 -9.28
CA LYS B 195 -20.96 10.54 -10.41
C LYS B 195 -20.82 11.22 -11.78
N GLN B 196 -21.44 12.36 -11.99
CA GLN B 196 -21.39 13.06 -13.29
C GLN B 196 -19.97 13.57 -13.59
N LEU B 197 -19.10 13.72 -12.61
CA LEU B 197 -17.77 14.28 -12.79
C LEU B 197 -16.74 13.21 -13.14
N TYR B 198 -17.13 11.93 -13.19
CA TYR B 198 -16.20 10.84 -13.52
C TYR B 198 -16.38 10.27 -14.91
N THR B 199 -17.17 10.92 -15.74
CA THR B 199 -17.51 10.40 -17.08
C THR B 199 -16.56 10.91 -18.17
N ARG B 200 -16.50 10.17 -19.27
CA ARG B 200 -15.75 10.58 -20.50
C ARG B 200 -16.14 12.01 -20.89
N GLU B 201 -17.44 12.30 -20.86
CA GLU B 201 -17.94 13.62 -21.28
C GLU B 201 -17.39 14.69 -20.33
N PHE B 202 -17.30 14.41 -19.03
CA PHE B 202 -16.73 15.39 -18.09
C PHE B 202 -15.27 15.64 -18.40
N PHE B 203 -14.48 14.59 -18.64
CA PHE B 203 -13.03 14.80 -18.90
C PHE B 203 -12.86 15.61 -20.20
N ALA B 204 -13.79 15.51 -21.16
CA ALA B 204 -13.73 16.33 -22.40
C ALA B 204 -13.94 17.80 -22.02
N LYS B 205 -14.85 18.06 -21.03
CA LYS B 205 -15.06 19.42 -20.53
C LYS B 205 -13.83 19.95 -19.80
N ILE B 206 -13.27 19.12 -18.93
CA ILE B 206 -11.99 19.48 -18.29
C ILE B 206 -10.97 19.92 -19.35
N ARG B 207 -10.80 19.11 -20.37
CA ARG B 207 -9.78 19.45 -21.41
C ARG B 207 -10.05 20.87 -21.95
N ARG B 208 -11.32 21.21 -22.09
CA ARG B 208 -11.71 22.55 -22.65
C ARG B 208 -11.34 23.71 -21.71
N ILE B 209 -11.10 23.47 -20.41
CA ILE B 209 -10.74 24.54 -19.46
C ILE B 209 -9.30 24.33 -19.00
N LEU B 210 -8.54 23.58 -19.79
CA LEU B 210 -7.06 23.53 -19.62
C LEU B 210 -6.37 24.32 -20.73
N ASN B 211 -5.29 24.98 -20.36
CA ASN B 211 -4.28 25.48 -21.34
C ASN B 211 -3.71 24.31 -22.13
N ASP B 212 -3.08 24.58 -23.30
CA ASP B 212 -2.74 23.47 -24.19
C ASP B 212 -1.66 22.63 -23.53
N ASP B 213 -0.95 23.12 -22.53
CA ASP B 213 0.04 22.27 -21.80
C ASP B 213 -0.43 21.82 -20.41
N GLY B 214 -1.74 21.86 -20.22
CA GLY B 214 -2.37 21.53 -18.94
C GLY B 214 -2.23 20.10 -18.48
N VAL B 215 -2.54 19.91 -17.20
CA VAL B 215 -2.57 18.58 -16.52
C VAL B 215 -3.81 18.47 -15.68
N VAL B 216 -4.40 17.30 -15.69
CA VAL B 216 -5.49 16.96 -14.74
C VAL B 216 -4.99 15.81 -13.87
N VAL B 217 -5.41 15.74 -12.64
CA VAL B 217 -5.23 14.56 -11.80
C VAL B 217 -6.50 14.31 -11.04
N THR B 218 -6.88 13.06 -10.93
CA THR B 218 -8.04 12.69 -10.10
C THR B 218 -7.68 11.49 -9.26
N GLN B 219 -8.30 11.39 -8.08
CA GLN B 219 -8.40 10.08 -7.41
C GLN B 219 -9.46 9.26 -8.15
N ALA B 220 -9.29 7.95 -8.16
CA ALA B 220 -10.15 7.05 -8.97
C ALA B 220 -10.63 5.84 -8.19
N GLY B 221 -10.72 5.96 -6.88
CA GLY B 221 -11.18 4.85 -6.03
C GLY B 221 -10.07 3.82 -5.83
N ASN B 222 -10.37 2.58 -6.16
CA ASN B 222 -9.41 1.49 -5.94
C ASN B 222 -9.57 0.42 -7.01
N SER B 223 -8.49 0.08 -7.68
CA SER B 223 -8.47 -0.86 -8.78
C SER B 223 -8.56 -2.31 -8.35
N PHE B 224 -8.24 -2.60 -7.10
CA PHE B 224 -8.32 -3.99 -6.55
C PHE B 224 -9.76 -4.35 -6.23
N TYR B 225 -10.43 -3.50 -5.43
CA TYR B 225 -11.81 -3.81 -4.98
C TYR B 225 -12.84 -3.35 -6.01
N PHE B 226 -12.60 -2.27 -6.74
CA PHE B 226 -13.56 -1.61 -7.65
C PHE B 226 -12.93 -1.42 -9.02
N PRO B 227 -12.52 -2.54 -9.65
CA PRO B 227 -11.88 -2.41 -10.98
C PRO B 227 -12.75 -1.83 -12.07
N ALA B 228 -14.04 -2.18 -12.06
CA ALA B 228 -14.92 -1.68 -13.14
C ALA B 228 -14.99 -0.15 -13.07
N GLU B 229 -15.25 0.37 -11.90
CA GLU B 229 -15.34 1.83 -11.72
C GLU B 229 -13.99 2.51 -11.99
N TYR B 230 -12.92 1.89 -11.58
CA TYR B 230 -11.57 2.39 -11.87
C TYR B 230 -11.37 2.49 -13.38
N ASP B 231 -11.62 1.37 -14.04
CA ASP B 231 -11.38 1.30 -15.48
C ASP B 231 -12.25 2.30 -16.26
N MET B 232 -13.47 2.53 -15.77
CA MET B 232 -14.33 3.55 -16.41
C MET B 232 -13.66 4.96 -16.31
N VAL B 233 -13.13 5.33 -15.17
CA VAL B 233 -12.46 6.63 -15.00
C VAL B 233 -11.21 6.62 -15.89
N LEU B 234 -10.45 5.55 -15.90
CA LEU B 234 -9.20 5.49 -16.69
C LEU B 234 -9.52 5.69 -18.15
N GLU B 235 -10.52 4.98 -18.66
CA GLU B 235 -10.80 5.07 -20.10
C GLU B 235 -11.32 6.47 -20.38
N GLY B 236 -11.99 7.13 -19.47
CA GLY B 236 -12.48 8.51 -19.75
C GLY B 236 -11.33 9.49 -19.77
N VAL B 237 -10.29 9.30 -18.99
CA VAL B 237 -9.08 10.15 -19.06
C VAL B 237 -8.36 9.85 -20.37
N LYS B 238 -8.16 8.58 -20.69
CA LYS B 238 -7.39 8.21 -21.89
C LYS B 238 -8.10 8.72 -23.18
N ALA B 239 -9.45 8.76 -23.19
CA ALA B 239 -10.20 9.25 -24.38
C ALA B 239 -9.93 10.73 -24.64
N ASN B 240 -9.35 11.46 -23.71
CA ASN B 240 -9.22 12.94 -23.69
C ASN B 240 -7.78 13.46 -23.54
N PHE B 241 -6.85 12.61 -23.10
CA PHE B 241 -5.47 13.06 -22.76
C PHE B 241 -4.52 12.05 -23.38
N PRO B 242 -3.48 12.50 -24.08
CA PRO B 242 -2.56 11.58 -24.75
C PRO B 242 -1.49 10.99 -23.83
N ILE B 243 -1.23 11.60 -22.68
CA ILE B 243 -0.25 11.10 -21.70
C ILE B 243 -1.03 10.77 -20.42
N VAL B 244 -0.96 9.53 -20.01
CA VAL B 244 -1.70 9.16 -18.76
C VAL B 244 -0.77 8.35 -17.85
N ALA B 245 -0.73 8.74 -16.61
CA ALA B 245 0.01 8.03 -15.57
C ALA B 245 -0.96 7.50 -14.49
N GLU B 246 -0.76 6.26 -14.13
CA GLU B 246 -1.53 5.61 -13.05
C GLU B 246 -0.59 5.35 -11.87
N TYR B 247 -0.98 5.71 -10.67
CA TYR B 247 -0.17 5.39 -9.49
C TYR B 247 -1.09 5.24 -8.30
N GLU B 248 -0.56 4.66 -7.22
CA GLU B 248 -1.37 4.38 -6.01
C GLU B 248 -0.55 4.52 -4.75
N VAL B 249 -1.24 4.85 -3.66
CA VAL B 249 -0.55 5.01 -2.36
C VAL B 249 -1.49 4.43 -1.31
N TRP B 250 -0.96 3.59 -0.48
CA TRP B 250 -1.70 3.05 0.68
C TRP B 250 -2.05 4.17 1.68
N ILE B 251 -3.35 4.26 1.98
CA ILE B 251 -3.87 5.19 2.99
C ILE B 251 -4.47 4.33 4.10
N PRO B 252 -3.76 4.11 5.23
CA PRO B 252 -4.19 3.18 6.25
C PRO B 252 -5.64 3.39 6.71
N SER B 253 -6.03 4.66 6.93
CA SER B 253 -7.36 4.94 7.46
C SER B 253 -8.49 4.52 6.52
N PHE B 254 -8.23 4.43 5.21
CA PHE B 254 -9.23 4.03 4.21
C PHE B 254 -9.33 2.51 4.05
N GLY B 255 -8.24 1.80 4.39
CA GLY B 255 -8.18 0.37 4.15
C GLY B 255 -7.68 -0.05 2.81
N TYR B 256 -7.14 0.87 2.01
CA TYR B 256 -6.66 0.46 0.67
C TYR B 256 -5.68 1.50 0.16
N ALA B 257 -5.06 1.15 -0.96
CA ALA B 257 -4.20 2.06 -1.72
C ALA B 257 -5.07 2.86 -2.71
N VAL B 258 -5.16 4.15 -2.48
CA VAL B 258 -5.97 5.00 -3.37
C VAL B 258 -5.27 5.02 -4.71
N ASN B 259 -6.04 4.87 -5.77
CA ASN B 259 -5.58 5.01 -7.16
C ASN B 259 -5.72 6.45 -7.63
N PHE B 260 -4.67 6.96 -8.27
CA PHE B 260 -4.68 8.27 -8.93
C PHE B 260 -4.46 8.09 -10.42
N ILE B 261 -5.06 8.97 -11.17
CA ILE B 261 -4.87 9.02 -12.62
C ILE B 261 -4.53 10.44 -13.00
N LEU B 262 -3.37 10.58 -13.64
CA LEU B 262 -2.85 11.90 -14.09
C LEU B 262 -2.91 11.94 -15.61
N GLY B 263 -3.63 12.89 -16.18
CA GLY B 263 -3.74 13.10 -17.62
C GLY B 263 -2.98 14.35 -18.00
N SER B 264 -2.20 14.29 -19.06
CA SER B 264 -1.34 15.44 -19.39
C SER B 264 -1.39 15.67 -20.90
N LEU B 265 -1.42 16.93 -21.30
CA LEU B 265 -1.49 17.33 -22.69
C LEU B 265 -0.11 17.39 -23.34
N ARG B 266 0.94 17.67 -22.58
CA ARG B 266 2.30 17.99 -23.10
C ARG B 266 3.40 17.29 -22.29
N TYR B 267 3.44 17.49 -20.98
CA TYR B 267 4.56 17.07 -20.09
C TYR B 267 4.35 15.66 -19.58
N ASP B 268 5.39 14.86 -19.68
CA ASP B 268 5.36 13.45 -19.27
C ASP B 268 5.88 13.32 -17.86
N PRO B 269 5.06 12.91 -16.86
CA PRO B 269 5.56 12.76 -15.50
C PRO B 269 6.57 11.62 -15.43
N HIS B 270 6.55 10.70 -16.40
CA HIS B 270 7.43 9.53 -16.38
C HIS B 270 8.84 9.99 -16.75
N ALA B 271 8.99 11.18 -17.37
CA ALA B 271 10.29 11.70 -17.80
C ALA B 271 10.98 12.55 -16.74
N LEU B 272 10.33 12.88 -15.62
CA LEU B 272 11.07 13.62 -14.55
C LEU B 272 12.02 12.65 -13.82
N THR B 273 13.21 13.13 -13.52
CA THR B 273 14.24 12.47 -12.68
C THR B 273 14.07 12.96 -11.24
N PRO B 274 14.56 12.20 -10.24
CA PRO B 274 14.41 12.62 -8.86
C PRO B 274 15.05 13.99 -8.63
N SER B 275 16.13 14.28 -9.36
CA SER B 275 16.82 15.60 -9.35
C SER B 275 15.93 16.71 -9.90
N GLU B 276 15.28 16.53 -11.04
CA GLU B 276 14.42 17.59 -11.62
C GLU B 276 13.28 17.87 -10.64
N VAL B 277 12.68 16.82 -10.09
CA VAL B 277 11.59 17.06 -9.10
C VAL B 277 12.11 17.83 -7.87
N ASP B 278 13.21 17.37 -7.30
CA ASP B 278 13.69 18.01 -6.06
C ASP B 278 14.11 19.45 -6.34
N GLU B 279 14.63 19.77 -7.56
CA GLU B 279 14.97 21.19 -7.86
C GLU B 279 13.69 22.03 -8.03
N ARG B 280 12.65 21.55 -8.73
CA ARG B 280 11.40 22.30 -8.88
C ARG B 280 10.84 22.51 -7.48
N LEU B 281 10.83 21.49 -6.62
CA LEU B 281 10.32 21.68 -5.24
C LEU B 281 11.11 22.75 -4.49
N ARG B 282 12.42 22.72 -4.57
CA ARG B 282 13.24 23.68 -3.81
C ARG B 282 13.01 25.08 -4.40
N ALA B 283 13.06 25.22 -5.73
CA ALA B 283 12.92 26.53 -6.39
C ALA B 283 11.56 27.14 -6.03
N ARG B 284 10.53 26.31 -5.88
CA ARG B 284 9.17 26.82 -5.64
C ARG B 284 8.85 26.90 -4.15
N GLY B 285 9.76 26.52 -3.26
CA GLY B 285 9.57 26.68 -1.81
C GLY B 285 8.64 25.62 -1.22
N VAL B 286 8.51 24.46 -1.86
CA VAL B 286 7.54 23.42 -1.42
C VAL B 286 8.22 22.54 -0.37
N LYS B 287 7.59 22.46 0.78
CA LYS B 287 7.98 21.59 1.90
C LYS B 287 6.94 20.49 2.07
N THR B 288 7.42 19.26 2.13
CA THR B 288 6.53 18.09 2.21
C THR B 288 6.93 17.16 3.37
N ALA B 289 6.00 16.28 3.78
CA ALA B 289 6.24 15.20 4.76
C ALA B 289 6.56 13.87 4.07
N PHE B 290 6.20 13.72 2.81
CA PHE B 290 6.28 12.44 2.06
C PHE B 290 6.91 12.65 0.68
N TYR B 291 6.27 13.47 -0.12
CA TYR B 291 6.63 13.54 -1.55
C TYR B 291 8.05 14.10 -1.74
N THR B 292 8.84 13.41 -2.56
CA THR B 292 10.20 13.74 -2.98
C THR B 292 10.38 13.25 -4.42
N GLY B 293 11.54 13.53 -4.99
CA GLY B 293 11.82 13.02 -6.32
C GLY B 293 11.93 11.48 -6.35
N ARG B 294 12.46 10.86 -5.29
CA ARG B 294 12.54 9.37 -5.26
CA ARG B 294 12.53 9.38 -5.25
C ARG B 294 11.13 8.77 -5.10
N VAL B 295 10.27 9.43 -4.30
CA VAL B 295 8.88 8.95 -4.21
C VAL B 295 8.25 9.08 -5.61
N HIS B 296 8.49 10.18 -6.33
CA HIS B 296 7.94 10.33 -7.69
C HIS B 296 8.39 9.16 -8.57
N LEU B 297 9.68 8.86 -8.53
CA LEU B 297 10.19 7.73 -9.33
C LEU B 297 9.45 6.43 -8.98
N ALA B 298 9.30 6.16 -7.67
CA ALA B 298 8.58 4.95 -7.25
C ALA B 298 7.14 4.94 -7.73
N LEU B 299 6.45 6.07 -7.62
CA LEU B 299 5.05 6.13 -8.07
C LEU B 299 4.94 5.90 -9.58
N MET B 300 5.91 6.33 -10.32
CA MET B 300 5.90 6.17 -11.80
C MET B 300 6.26 4.74 -12.23
N ASN B 301 6.74 3.91 -11.32
CA ASN B 301 7.22 2.58 -11.70
C ASN B 301 6.45 1.45 -11.02
N MET B 302 5.69 1.73 -9.96
CA MET B 302 4.97 0.63 -9.27
C MET B 302 3.66 0.35 -9.97
N PRO B 303 3.41 -0.87 -10.43
CA PRO B 303 2.14 -1.19 -11.08
C PRO B 303 1.03 -1.09 -10.01
N ILE B 304 -0.17 -0.85 -10.43
CA ILE B 304 -1.32 -0.77 -9.53
C ILE B 304 -1.81 -2.19 -9.23
N HIS B 305 -2.43 -2.34 -8.06
CA HIS B 305 -2.94 -3.62 -7.61
C HIS B 305 -4.21 -4.04 -8.33
N ARG B 306 -4.29 -5.31 -8.60
CA ARG B 306 -5.47 -5.99 -9.14
C ARG B 306 -5.63 -7.32 -8.42
N LYS B 307 -6.86 -7.86 -8.42
CA LYS B 307 -7.05 -9.23 -7.97
C LYS B 307 -6.33 -10.16 -8.91
N LEU B 308 -5.49 -11.03 -8.39
CA LEU B 308 -4.59 -11.86 -9.23
C LEU B 308 -5.22 -13.20 -9.54
N ARG B 309 -6.23 -13.61 -8.84
CA ARG B 309 -7.02 -14.83 -9.11
C ARG B 309 -8.50 -14.51 -8.88
#